data_8PJU
#
_entry.id   8PJU
#
_cell.length_a   76.435
_cell.length_b   78.007
_cell.length_c   85.884
_cell.angle_alpha   90.000
_cell.angle_beta   90.000
_cell.angle_gamma   90.000
#
_symmetry.space_group_name_H-M   'C 2 2 21'
#
loop_
_entity.id
_entity.type
_entity.pdbx_description
1 polymer SAKe6DEtal
2 water water
#
_entity_poly.entity_id   1
_entity_poly.type   'polypeptide(L)'
_entity_poly.pdbx_seq_one_letter_code
;GSHMNGRIYAVGGYDGSPDGHTHLNSVEAYDPETDTWSPVAPMNTRRSGVGVAVLDGHIYAVGGSHGSPDGSIHHNSVER
YEPERDEWHLVAPMLTRRIGVGVAVLNGRIYAVGGYDGSPDGHTHLNSVEAYDPETDTWSPVAPMNTRRSGVGVAVLDGH
IYAVGGSHGSPDGSIHHNSVERYEPERDEWHLVAPMLTRRIGVGVAVLNGRIYAVGGYDGSPDGHTHLNSVEAYDPETDT
WSPVAPMNTRRSGVGVAVLDGHIYAVGGSHGSPDGSIHHNSVERYEPERDEWHLVAPMLTRRIGVGVAVL
;
_entity_poly.pdbx_strand_id   A
#
# COMPACT_ATOMS: atom_id res chain seq x y z
N GLY A 6 16.25 2.99 6.27
CA GLY A 6 16.29 3.85 5.11
C GLY A 6 15.35 5.03 5.29
N ARG A 7 14.59 5.31 4.26
CA ARG A 7 13.65 6.42 4.27
C ARG A 7 12.28 5.89 3.89
N ILE A 8 11.25 6.61 4.32
CA ILE A 8 9.89 6.33 3.93
C ILE A 8 9.55 7.31 2.81
N TYR A 9 9.17 6.81 1.62
CA TYR A 9 8.78 7.71 0.54
C TYR A 9 7.26 7.78 0.50
N ALA A 10 6.72 8.99 0.43
CA ALA A 10 5.30 9.21 0.27
C ALA A 10 5.05 9.73 -1.14
N VAL A 11 4.29 8.97 -1.93
CA VAL A 11 4.21 9.15 -3.39
C VAL A 11 2.79 9.59 -3.72
N GLY A 12 2.66 10.76 -4.34
CA GLY A 12 1.33 11.10 -4.86
C GLY A 12 0.25 11.28 -3.79
N GLY A 13 -0.99 10.96 -4.19
CA GLY A 13 -2.14 11.20 -3.32
C GLY A 13 -2.87 12.45 -3.74
N TYR A 14 -3.97 12.71 -3.06
CA TYR A 14 -4.81 13.85 -3.34
C TYR A 14 -4.78 14.80 -2.16
N ASP A 15 -4.77 16.10 -2.47
CA ASP A 15 -4.57 17.19 -1.51
C ASP A 15 -5.83 18.01 -1.24
N THR A 22 -6.35 18.77 -5.57
CA THR A 22 -5.76 18.20 -6.78
C THR A 22 -5.06 16.86 -6.51
N HIS A 23 -4.90 16.06 -7.56
CA HIS A 23 -4.01 14.91 -7.50
C HIS A 23 -2.57 15.35 -7.67
N LEU A 24 -1.66 14.68 -6.96
CA LEU A 24 -0.30 15.15 -6.79
C LEU A 24 0.67 14.32 -7.61
N ASN A 25 1.65 14.99 -8.24
CA ASN A 25 2.81 14.25 -8.71
C ASN A 25 3.99 14.38 -7.76
N SER A 26 3.83 15.08 -6.63
CA SER A 26 4.96 15.25 -5.72
C SER A 26 5.21 14.00 -4.88
N VAL A 27 6.47 13.91 -4.41
CA VAL A 27 7.00 12.81 -3.63
C VAL A 27 7.83 13.41 -2.51
N GLU A 28 7.70 12.89 -1.30
CA GLU A 28 8.56 13.36 -0.22
C GLU A 28 9.07 12.17 0.57
N ALA A 29 10.19 12.38 1.28
CA ALA A 29 10.88 11.28 1.93
C ALA A 29 11.12 11.61 3.38
N TYR A 30 10.91 10.63 4.25
CA TYR A 30 11.00 10.82 5.69
C TYR A 30 12.27 10.18 6.24
N ASP A 31 13.05 10.95 7.01
CA ASP A 31 14.25 10.43 7.64
C ASP A 31 13.96 10.22 9.10
N PRO A 32 13.98 8.98 9.62
CA PRO A 32 13.65 8.80 11.04
C PRO A 32 14.72 9.33 11.98
N GLU A 33 15.98 9.34 11.54
CA GLU A 33 17.04 9.85 12.40
C GLU A 33 16.86 11.34 12.70
N THR A 34 16.35 12.12 11.73
CA THR A 34 16.13 13.56 11.93
C THR A 34 14.68 13.92 12.14
N ASP A 35 13.75 12.96 11.97
CA ASP A 35 12.31 13.22 12.07
C ASP A 35 11.88 14.37 11.15
N THR A 36 12.33 14.30 9.89
CA THR A 36 12.12 15.34 8.89
C THR A 36 11.64 14.74 7.56
N TRP A 37 10.69 15.42 6.92
CA TRP A 37 10.29 15.11 5.55
C TRP A 37 10.99 16.08 4.59
N SER A 38 11.47 15.55 3.46
CA SER A 38 12.25 16.29 2.47
C SER A 38 11.68 16.03 1.09
N PRO A 39 11.70 17.02 0.21
CA PRO A 39 11.19 16.79 -1.15
C PRO A 39 12.16 15.90 -1.91
N VAL A 40 11.61 15.09 -2.81
CA VAL A 40 12.42 14.44 -3.84
C VAL A 40 11.77 14.69 -5.19
N ALA A 41 12.40 14.17 -6.25
CA ALA A 41 11.96 14.55 -7.57
C ALA A 41 10.50 14.12 -7.79
N PRO A 42 9.72 14.97 -8.43
CA PRO A 42 8.32 14.62 -8.70
C PRO A 42 8.19 13.65 -9.87
N MET A 43 7.05 12.98 -9.88
CA MET A 43 6.71 11.97 -10.87
C MET A 43 6.38 12.67 -12.19
N ASN A 44 6.44 11.92 -13.28
CA ASN A 44 5.98 12.43 -14.56
C ASN A 44 4.48 12.61 -14.59
N THR A 45 3.77 11.87 -13.78
CA THR A 45 2.32 11.79 -13.79
C THR A 45 1.76 12.06 -12.41
N ARG A 46 0.69 12.86 -12.33
CA ARG A 46 -0.06 12.99 -11.07
C ARG A 46 -0.80 11.69 -10.78
N ARG A 47 -0.78 11.24 -9.51
CA ARG A 47 -1.36 9.95 -9.13
C ARG A 47 -2.00 10.01 -7.75
N SER A 48 -3.22 9.51 -7.61
CA SER A 48 -3.75 9.23 -6.29
C SER A 48 -4.49 7.90 -6.33
N GLY A 49 -4.62 7.26 -5.16
CA GLY A 49 -5.02 5.87 -5.17
C GLY A 49 -3.98 5.06 -5.91
N VAL A 50 -2.72 5.43 -5.74
CA VAL A 50 -1.58 4.85 -6.42
C VAL A 50 -1.04 3.73 -5.56
N GLY A 51 -0.54 2.66 -6.18
CA GLY A 51 0.16 1.62 -5.45
C GLY A 51 1.65 1.76 -5.63
N VAL A 52 2.42 1.45 -4.58
CA VAL A 52 3.86 1.64 -4.66
C VAL A 52 4.56 0.40 -4.11
N ALA A 53 5.58 -0.05 -4.81
CA ALA A 53 6.35 -1.16 -4.25
C ALA A 53 7.81 -1.02 -4.60
N VAL A 54 8.64 -1.78 -3.89
CA VAL A 54 10.08 -1.64 -4.02
C VAL A 54 10.64 -2.94 -4.59
N LEU A 55 11.40 -2.84 -5.67
CA LEU A 55 11.96 -4.01 -6.32
C LEU A 55 13.33 -3.63 -6.84
N ASP A 56 14.37 -4.35 -6.42
CA ASP A 56 15.73 -4.17 -6.95
C ASP A 56 16.20 -2.72 -6.77
N GLY A 57 15.91 -2.13 -5.63
CA GLY A 57 16.42 -0.81 -5.32
C GLY A 57 15.74 0.35 -6.00
N HIS A 58 14.59 0.12 -6.64
CA HIS A 58 13.77 1.13 -7.28
C HIS A 58 12.40 1.12 -6.64
N ILE A 59 11.74 2.27 -6.63
CA ILE A 59 10.35 2.40 -6.22
C ILE A 59 9.49 2.45 -7.48
N TYR A 60 8.47 1.61 -7.57
CA TYR A 60 7.53 1.66 -8.68
C TYR A 60 6.27 2.34 -8.23
N ALA A 61 5.76 3.28 -9.03
CA ALA A 61 4.46 3.91 -8.80
C ALA A 61 3.51 3.36 -9.85
N VAL A 62 2.45 2.67 -9.39
CA VAL A 62 1.62 1.81 -10.24
C VAL A 62 0.22 2.40 -10.24
N GLY A 63 -0.28 2.79 -11.40
CA GLY A 63 -1.67 3.26 -11.49
C GLY A 63 -1.93 4.58 -10.79
N GLY A 64 -3.19 4.84 -10.45
CA GLY A 64 -3.53 6.13 -9.84
C GLY A 64 -3.95 7.16 -10.85
N SER A 65 -3.91 6.82 -12.14
CA SER A 65 -4.45 7.68 -13.24
C SER A 65 -4.29 9.16 -13.00
N HIS A 66 -5.39 9.91 -13.03
CA HIS A 66 -5.36 11.36 -12.68
C HIS A 66 -4.61 12.15 -13.77
N ASN A 76 -3.19 4.02 -17.40
CA ASN A 76 -2.58 2.89 -16.67
C ASN A 76 -1.05 2.89 -16.70
N SER A 77 -0.49 4.08 -16.80
CA SER A 77 0.96 4.24 -16.80
C SER A 77 1.55 3.73 -15.47
N VAL A 78 2.84 3.39 -15.57
CA VAL A 78 3.67 2.97 -14.46
C VAL A 78 5.00 3.70 -14.60
N GLU A 79 5.59 4.12 -13.46
CA GLU A 79 6.91 4.74 -13.46
C GLU A 79 7.75 4.19 -12.33
N ARG A 80 9.06 4.41 -12.46
CA ARG A 80 10.08 3.81 -11.63
C ARG A 80 11.06 4.89 -11.18
N TYR A 81 11.33 4.97 -9.88
CA TYR A 81 12.20 5.99 -9.29
C TYR A 81 13.55 5.37 -9.01
N GLU A 82 14.64 6.01 -9.49
CA GLU A 82 15.98 5.54 -9.17
C GLU A 82 16.56 6.51 -8.14
N PRO A 83 16.81 6.09 -6.90
CA PRO A 83 17.21 7.06 -5.88
C PRO A 83 18.60 7.63 -6.11
N GLU A 84 19.53 6.86 -6.69
CA GLU A 84 20.87 7.38 -6.91
C GLU A 84 20.84 8.60 -7.83
N ARG A 85 20.00 8.55 -8.86
CA ARG A 85 19.91 9.68 -9.79
C ARG A 85 18.77 10.63 -9.48
N ASP A 86 17.86 10.28 -8.55
CA ASP A 86 16.69 11.08 -8.19
C ASP A 86 15.86 11.44 -9.42
N GLU A 87 15.39 10.41 -10.12
CA GLU A 87 14.58 10.63 -11.31
C GLU A 87 13.58 9.50 -11.48
N TRP A 88 12.50 9.83 -12.17
CA TRP A 88 11.47 8.86 -12.49
C TRP A 88 11.53 8.54 -13.98
N HIS A 89 11.46 7.26 -14.27
CA HIS A 89 11.53 6.75 -15.63
C HIS A 89 10.23 6.03 -15.95
N LEU A 90 9.74 6.17 -17.16
CA LEU A 90 8.51 5.39 -17.42
C LEU A 90 8.82 3.92 -17.68
N VAL A 91 7.86 3.04 -17.36
CA VAL A 91 7.97 1.64 -17.77
C VAL A 91 6.66 1.20 -18.42
N ALA A 92 6.62 -0.07 -18.83
CA ALA A 92 5.46 -0.55 -19.56
C ALA A 92 4.17 -0.28 -18.79
N PRO A 93 3.10 0.15 -19.50
CA PRO A 93 1.82 0.36 -18.86
C PRO A 93 1.08 -0.95 -18.54
N MET A 94 0.19 -0.88 -17.58
CA MET A 94 -0.55 -2.09 -17.16
C MET A 94 -1.56 -2.45 -18.25
N LEU A 95 -2.10 -3.66 -18.18
CA LEU A 95 -3.09 -4.10 -19.17
C LEU A 95 -4.45 -3.46 -18.85
N THR A 96 -4.68 -3.10 -17.60
CA THR A 96 -5.94 -2.52 -17.20
C THR A 96 -5.65 -1.26 -16.39
N ARG A 97 -6.41 -0.19 -16.64
CA ARG A 97 -6.34 0.97 -15.76
C ARG A 97 -6.82 0.63 -14.35
N ARG A 98 -6.10 1.12 -13.34
CA ARG A 98 -6.47 0.81 -11.95
C ARG A 98 -6.24 1.98 -11.00
N ILE A 99 -7.28 2.41 -10.30
CA ILE A 99 -7.14 3.42 -9.22
C ILE A 99 -7.54 2.70 -7.92
N GLY A 100 -6.85 2.97 -6.82
CA GLY A 100 -7.16 2.24 -5.57
C GLY A 100 -6.64 0.83 -5.66
N VAL A 101 -5.51 0.68 -6.32
CA VAL A 101 -4.92 -0.62 -6.58
C VAL A 101 -3.97 -0.95 -5.43
N GLY A 102 -3.88 -2.23 -5.10
CA GLY A 102 -2.91 -2.69 -4.11
C GLY A 102 -1.75 -3.31 -4.89
N VAL A 103 -0.54 -3.03 -4.45
CA VAL A 103 0.65 -3.48 -5.14
C VAL A 103 1.60 -4.14 -4.16
N ALA A 104 2.16 -5.27 -4.56
CA ALA A 104 3.10 -5.98 -3.70
C ALA A 104 4.12 -6.65 -4.57
N VAL A 105 5.26 -6.98 -3.97
CA VAL A 105 6.36 -7.63 -4.68
C VAL A 105 6.50 -9.06 -4.17
N LEU A 106 6.58 -10.01 -5.09
CA LEU A 106 6.67 -11.40 -4.69
C LEU A 106 7.50 -12.09 -5.75
N ASN A 107 8.64 -12.67 -5.31
CA ASN A 107 9.49 -13.47 -6.20
C ASN A 107 9.91 -12.70 -7.44
N GLY A 108 10.36 -11.46 -7.23
CA GLY A 108 10.91 -10.70 -8.33
C GLY A 108 9.90 -10.09 -9.28
N ARG A 109 8.61 -10.19 -9.00
CA ARG A 109 7.60 -9.53 -9.82
C ARG A 109 6.76 -8.58 -8.97
N ILE A 110 6.19 -7.58 -9.65
CA ILE A 110 5.26 -6.63 -9.06
C ILE A 110 3.85 -7.05 -9.40
N TYR A 111 3.03 -7.28 -8.39
CA TYR A 111 1.63 -7.64 -8.61
C TYR A 111 0.73 -6.43 -8.37
N ALA A 112 -0.15 -6.15 -9.34
CA ALA A 112 -1.13 -5.09 -9.23
C ALA A 112 -2.47 -5.78 -9.04
N VAL A 113 -3.09 -5.52 -7.89
CA VAL A 113 -4.25 -6.27 -7.39
C VAL A 113 -5.45 -5.35 -7.36
N GLY A 114 -6.51 -5.73 -8.10
CA GLY A 114 -7.77 -5.02 -8.05
C GLY A 114 -7.65 -3.53 -8.39
N GLY A 115 -8.41 -2.69 -7.70
CA GLY A 115 -8.59 -1.34 -8.11
C GLY A 115 -9.92 -1.12 -8.81
N TYR A 116 -10.07 0.10 -9.30
CA TYR A 116 -11.25 0.57 -10.01
C TYR A 116 -10.83 1.05 -11.40
N ASP A 117 -11.61 0.66 -12.41
CA ASP A 117 -11.32 1.07 -13.77
C ASP A 117 -12.36 2.11 -14.14
N GLY A 118 -11.93 3.37 -14.20
CA GLY A 118 -12.84 4.48 -14.48
C GLY A 118 -13.50 4.44 -15.84
N THR A 124 -16.16 0.38 -12.91
CA THR A 124 -16.07 -0.98 -12.37
C THR A 124 -14.92 -1.28 -11.38
N HIS A 125 -15.33 -1.89 -10.27
CA HIS A 125 -14.39 -2.45 -9.33
C HIS A 125 -13.82 -3.73 -9.92
N LEU A 126 -12.55 -3.98 -9.68
CA LEU A 126 -11.83 -5.03 -10.38
C LEU A 126 -11.54 -6.21 -9.47
N ASN A 127 -11.72 -7.41 -10.01
CA ASN A 127 -11.13 -8.56 -9.35
C ASN A 127 -9.89 -9.06 -10.09
N SER A 128 -9.52 -8.44 -11.19
CA SER A 128 -8.35 -8.90 -11.90
C SER A 128 -7.02 -8.51 -11.25
N VAL A 129 -5.99 -9.25 -11.62
CA VAL A 129 -4.66 -9.14 -11.04
C VAL A 129 -3.67 -9.28 -12.19
N GLU A 130 -2.57 -8.51 -12.17
CA GLU A 130 -1.58 -8.66 -13.24
C GLU A 130 -0.20 -8.49 -12.61
N ALA A 131 0.80 -9.11 -13.20
CA ALA A 131 2.14 -9.12 -12.62
C ALA A 131 3.16 -8.57 -13.60
N TYR A 132 4.09 -7.77 -13.09
CA TYR A 132 5.11 -7.10 -13.91
C TYR A 132 6.45 -7.80 -13.75
N ASP A 133 7.08 -8.16 -14.87
CA ASP A 133 8.42 -8.71 -14.81
C ASP A 133 9.42 -7.66 -15.30
N PRO A 134 10.32 -7.13 -14.45
CA PRO A 134 11.23 -6.09 -14.95
C PRO A 134 12.23 -6.63 -15.94
N GLU A 135 12.54 -7.92 -15.89
CA GLU A 135 13.49 -8.49 -16.84
C GLU A 135 12.98 -8.37 -18.28
N THR A 136 11.67 -8.50 -18.49
CA THR A 136 11.12 -8.40 -19.85
C THR A 136 10.30 -7.13 -20.07
N ASP A 137 10.10 -6.32 -19.03
CA ASP A 137 9.29 -5.11 -19.10
C ASP A 137 7.90 -5.39 -19.65
N THR A 138 7.23 -6.44 -19.10
CA THR A 138 5.90 -6.78 -19.57
C THR A 138 5.02 -7.08 -18.37
N TRP A 139 3.75 -6.74 -18.51
CA TRP A 139 2.70 -7.16 -17.60
C TRP A 139 1.97 -8.35 -18.18
N SER A 140 1.63 -9.30 -17.30
CA SER A 140 0.98 -10.57 -17.61
C SER A 140 -0.20 -10.77 -16.67
N PRO A 141 -1.36 -11.25 -17.18
CA PRO A 141 -2.47 -11.56 -16.31
C PRO A 141 -2.17 -12.70 -15.34
N VAL A 142 -2.77 -12.62 -14.16
CA VAL A 142 -2.62 -13.66 -13.12
C VAL A 142 -4.06 -14.06 -12.77
N ALA A 143 -4.24 -15.11 -11.98
CA ALA A 143 -5.60 -15.51 -11.58
C ALA A 143 -6.31 -14.35 -10.87
N PRO A 144 -7.61 -14.16 -11.15
CA PRO A 144 -8.36 -13.10 -10.49
C PRO A 144 -8.79 -13.54 -9.08
N MET A 145 -9.04 -12.53 -8.25
CA MET A 145 -9.54 -12.70 -6.89
C MET A 145 -10.95 -13.22 -6.97
N ASN A 146 -11.40 -13.75 -5.83
CA ASN A 146 -12.78 -14.18 -5.72
C ASN A 146 -13.76 -13.02 -5.74
N THR A 147 -13.33 -11.86 -5.25
CA THR A 147 -14.16 -10.71 -4.95
C THR A 147 -13.53 -9.51 -5.62
N ARG A 148 -14.36 -8.65 -6.21
CA ARG A 148 -13.85 -7.38 -6.74
C ARG A 148 -13.48 -6.44 -5.58
N ARG A 149 -12.33 -5.77 -5.67
CA ARG A 149 -11.86 -4.96 -4.53
C ARG A 149 -11.14 -3.73 -5.06
N SER A 150 -11.59 -2.53 -4.68
CA SER A 150 -10.78 -1.31 -4.83
C SER A 150 -10.62 -0.63 -3.47
N GLY A 151 -9.61 0.22 -3.35
CA GLY A 151 -9.21 0.65 -2.00
C GLY A 151 -8.79 -0.54 -1.17
N VAL A 152 -8.20 -1.50 -1.83
CA VAL A 152 -7.74 -2.75 -1.23
C VAL A 152 -6.33 -2.57 -0.70
N GLY A 153 -6.04 -3.19 0.43
CA GLY A 153 -4.68 -3.26 0.95
C GLY A 153 -4.03 -4.59 0.58
N VAL A 154 -2.73 -4.55 0.22
CA VAL A 154 -2.07 -5.80 -0.16
C VAL A 154 -0.75 -5.89 0.57
N ALA A 155 -0.37 -7.10 0.94
CA ALA A 155 0.91 -7.30 1.60
C ALA A 155 1.36 -8.73 1.39
N VAL A 156 2.66 -8.94 1.55
CA VAL A 156 3.25 -10.25 1.26
C VAL A 156 3.75 -10.80 2.57
N LEU A 157 3.36 -12.04 2.85
CA LEU A 157 3.77 -12.73 4.09
C LEU A 157 3.94 -14.20 3.78
N ASP A 158 5.10 -14.76 4.12
CA ASP A 158 5.36 -16.20 3.93
C ASP A 158 5.06 -16.66 2.50
N GLY A 159 5.45 -15.89 1.49
CA GLY A 159 5.33 -16.36 0.10
C GLY A 159 3.95 -16.21 -0.52
N HIS A 160 3.02 -15.56 0.18
CA HIS A 160 1.69 -15.33 -0.33
C HIS A 160 1.38 -13.85 -0.37
N ILE A 161 0.49 -13.45 -1.28
CA ILE A 161 0.01 -12.08 -1.29
C ILE A 161 -1.36 -12.05 -0.64
N TYR A 162 -1.53 -11.19 0.36
CA TYR A 162 -2.86 -11.06 0.96
C TYR A 162 -3.53 -9.82 0.39
N ALA A 163 -4.81 -9.95 0.02
CA ALA A 163 -5.66 -8.84 -0.37
C ALA A 163 -6.70 -8.62 0.73
N VAL A 164 -6.65 -7.44 1.36
CA VAL A 164 -7.40 -7.14 2.59
C VAL A 164 -8.42 -6.09 2.26
N GLY A 165 -9.70 -6.36 2.50
CA GLY A 165 -10.73 -5.32 2.36
C GLY A 165 -10.99 -4.89 0.93
N GLY A 166 -11.52 -3.68 0.78
CA GLY A 166 -11.84 -3.22 -0.58
C GLY A 166 -13.32 -3.18 -0.92
N SER A 167 -13.66 -2.71 -2.12
CA SER A 167 -15.07 -2.48 -2.52
C SER A 167 -15.44 -3.30 -3.75
N HIS A 177 -15.95 -4.32 2.23
CA HIS A 177 -15.70 -5.75 2.51
C HIS A 177 -14.88 -5.95 3.78
N ASN A 178 -15.19 -7.01 4.55
CA ASN A 178 -14.31 -7.42 5.69
C ASN A 178 -13.53 -8.66 5.23
N SER A 179 -13.90 -9.23 4.07
CA SER A 179 -13.31 -10.46 3.50
C SER A 179 -11.84 -10.32 3.14
N VAL A 180 -11.11 -11.44 3.18
CA VAL A 180 -9.66 -11.43 2.92
C VAL A 180 -9.30 -12.66 2.08
N GLU A 181 -8.36 -12.49 1.15
CA GLU A 181 -7.89 -13.61 0.35
C GLU A 181 -6.38 -13.58 0.22
N ARG A 182 -5.88 -14.77 -0.11
CA ARG A 182 -4.45 -15.09 -0.15
C ARG A 182 -4.09 -15.70 -1.49
N TYR A 183 -3.07 -15.18 -2.14
CA TYR A 183 -2.65 -15.70 -3.44
C TYR A 183 -1.42 -16.58 -3.26
N GLU A 184 -1.44 -17.78 -3.89
CA GLU A 184 -0.20 -18.58 -3.99
C GLU A 184 0.32 -18.66 -5.42
N PRO A 185 1.53 -18.20 -5.70
CA PRO A 185 2.03 -18.16 -7.09
C PRO A 185 2.23 -19.53 -7.73
N GLU A 186 2.63 -20.52 -6.94
CA GLU A 186 2.98 -21.83 -7.50
C GLU A 186 1.76 -22.50 -8.09
N ARG A 187 0.61 -22.34 -7.45
CA ARG A 187 -0.64 -22.86 -7.97
C ARG A 187 -1.44 -21.83 -8.76
N ASP A 188 -1.08 -20.54 -8.66
CA ASP A 188 -1.82 -19.44 -9.28
C ASP A 188 -3.31 -19.49 -8.88
N GLU A 189 -3.56 -19.39 -7.58
CA GLU A 189 -4.91 -19.50 -7.04
C GLU A 189 -5.10 -18.55 -5.86
N TRP A 190 -6.27 -17.93 -5.76
CA TRP A 190 -6.64 -17.14 -4.59
C TRP A 190 -7.50 -17.98 -3.65
N HIS A 191 -7.14 -17.99 -2.37
CA HIS A 191 -7.85 -18.77 -1.35
C HIS A 191 -8.35 -17.88 -0.24
N LEU A 192 -9.44 -18.29 0.41
CA LEU A 192 -10.01 -17.40 1.41
C LEU A 192 -9.28 -17.55 2.73
N VAL A 193 -9.25 -16.46 3.50
CA VAL A 193 -8.76 -16.53 4.87
C VAL A 193 -9.71 -15.72 5.73
N ALA A 194 -9.39 -15.62 7.02
CA ALA A 194 -10.41 -15.11 7.92
C ALA A 194 -10.76 -13.65 7.60
N PRO A 195 -12.03 -13.30 7.68
CA PRO A 195 -12.42 -11.90 7.54
C PRO A 195 -11.99 -11.08 8.75
N MET A 196 -11.81 -9.78 8.50
CA MET A 196 -11.51 -8.86 9.60
C MET A 196 -12.79 -8.65 10.42
N LEU A 197 -12.64 -8.10 11.61
CA LEU A 197 -13.84 -7.80 12.43
C LEU A 197 -14.56 -6.60 11.85
N THR A 198 -13.84 -5.72 11.16
CA THR A 198 -14.46 -4.49 10.63
C THR A 198 -14.30 -4.39 9.12
N ARG A 199 -15.36 -4.00 8.43
CA ARG A 199 -15.23 -3.73 7.00
C ARG A 199 -14.39 -2.46 6.76
N ARG A 200 -13.48 -2.49 5.77
CA ARG A 200 -12.56 -1.36 5.52
C ARG A 200 -12.34 -1.20 4.02
N ILE A 201 -12.63 0.00 3.51
CA ILE A 201 -12.19 0.41 2.18
C ILE A 201 -11.10 1.46 2.39
N GLY A 202 -10.06 1.45 1.55
CA GLY A 202 -9.00 2.43 1.75
C GLY A 202 -8.09 2.12 2.91
N VAL A 203 -7.97 0.86 3.26
CA VAL A 203 -7.20 0.35 4.38
C VAL A 203 -5.73 0.33 3.99
N GLY A 204 -4.83 0.65 4.91
CA GLY A 204 -3.41 0.45 4.71
C GLY A 204 -2.99 -0.83 5.38
N VAL A 205 -2.06 -1.56 4.75
CA VAL A 205 -1.65 -2.88 5.24
C VAL A 205 -0.14 -2.98 5.25
N ALA A 206 0.42 -3.53 6.33
CA ALA A 206 1.84 -3.86 6.27
C ALA A 206 2.10 -5.03 7.23
N VAL A 207 3.30 -5.58 7.09
CA VAL A 207 3.70 -6.80 7.79
C VAL A 207 4.76 -6.47 8.84
N LEU A 208 4.51 -6.87 10.09
CA LEU A 208 5.49 -6.70 11.13
C LEU A 208 5.50 -7.93 12.03
N ASN A 209 6.68 -8.52 12.23
CA ASN A 209 6.88 -9.66 13.14
C ASN A 209 5.92 -10.81 12.82
N GLY A 210 5.76 -11.11 11.54
CA GLY A 210 4.96 -12.26 11.18
C GLY A 210 3.47 -12.01 11.08
N ARG A 211 3.00 -10.80 11.34
CA ARG A 211 1.58 -10.50 11.33
C ARG A 211 1.27 -9.39 10.32
N ILE A 212 0.07 -9.43 9.76
CA ILE A 212 -0.40 -8.38 8.85
C ILE A 212 -1.20 -7.39 9.67
N TYR A 213 -0.82 -6.12 9.64
CA TYR A 213 -1.60 -5.09 10.29
C TYR A 213 -2.48 -4.39 9.26
N ALA A 214 -3.77 -4.29 9.55
CA ALA A 214 -4.73 -3.56 8.75
C ALA A 214 -5.09 -2.29 9.51
N VAL A 215 -4.80 -1.15 8.88
CA VAL A 215 -4.81 0.15 9.54
C VAL A 215 -5.87 1.02 8.90
N GLY A 216 -6.84 1.48 9.70
CA GLY A 216 -7.72 2.53 9.21
C GLY A 216 -8.64 2.06 8.09
N GLY A 217 -9.00 3.00 7.22
CA GLY A 217 -9.97 2.73 6.16
C GLY A 217 -11.30 3.39 6.48
N TYR A 218 -12.26 3.13 5.62
CA TYR A 218 -13.61 3.69 5.74
C TYR A 218 -14.62 2.55 5.79
N ASP A 219 -15.65 2.72 6.61
CA ASP A 219 -16.65 1.69 6.86
C ASP A 219 -17.93 1.97 6.09
N THR A 226 -17.97 6.07 7.71
CA THR A 226 -17.11 6.75 8.66
C THR A 226 -15.64 6.27 8.56
N HIS A 227 -14.70 7.20 8.76
CA HIS A 227 -13.29 6.84 8.73
C HIS A 227 -12.87 6.25 10.04
N LEU A 228 -11.96 5.28 9.99
CA LEU A 228 -11.66 4.46 11.15
C LEU A 228 -10.31 4.83 11.75
N ASN A 229 -10.22 4.90 13.08
CA ASN A 229 -8.91 4.87 13.68
C ASN A 229 -8.48 3.47 14.11
N SER A 230 -9.32 2.46 13.90
CA SER A 230 -9.01 1.14 14.44
C SER A 230 -7.97 0.39 13.62
N VAL A 231 -7.29 -0.50 14.31
CA VAL A 231 -6.24 -1.34 13.68
C VAL A 231 -6.46 -2.80 14.14
N GLU A 232 -6.26 -3.76 13.25
CA GLU A 232 -6.32 -5.19 13.65
C GLU A 232 -5.12 -5.91 13.05
N ALA A 233 -4.78 -7.04 13.65
CA ALA A 233 -3.58 -7.79 13.21
C ALA A 233 -3.98 -9.22 12.87
N TYR A 234 -3.42 -9.73 11.78
CA TYR A 234 -3.72 -11.10 11.32
C TYR A 234 -2.53 -12.02 11.59
N ASP A 235 -2.80 -13.13 12.25
CA ASP A 235 -1.79 -14.15 12.52
C ASP A 235 -2.00 -15.35 11.60
N PRO A 236 -1.12 -15.58 10.62
CA PRO A 236 -1.34 -16.68 9.67
C PRO A 236 -1.24 -18.02 10.30
N GLU A 237 -0.56 -18.18 11.45
CA GLU A 237 -0.44 -19.52 12.01
C GLU A 237 -1.80 -20.01 12.51
N THR A 238 -2.62 -19.12 13.04
CA THR A 238 -3.93 -19.48 13.55
C THR A 238 -5.07 -19.03 12.65
N ASP A 239 -4.78 -18.26 11.59
CA ASP A 239 -5.81 -17.69 10.71
C ASP A 239 -6.86 -16.95 11.54
N THR A 240 -6.37 -16.02 12.39
CA THR A 240 -7.28 -15.20 13.19
C THR A 240 -6.82 -13.73 13.21
N TRP A 241 -7.79 -12.84 13.29
CA TRP A 241 -7.54 -11.42 13.51
C TRP A 241 -7.70 -11.07 14.99
N SER A 242 -6.84 -10.17 15.48
CA SER A 242 -6.84 -9.68 16.85
C SER A 242 -6.80 -8.16 16.89
N PRO A 243 -7.40 -7.56 17.90
CA PRO A 243 -7.30 -6.10 18.08
C PRO A 243 -5.89 -5.59 18.35
N VAL A 244 -5.66 -4.37 17.87
CA VAL A 244 -4.45 -3.61 18.10
C VAL A 244 -4.90 -2.27 18.62
N ALA A 245 -4.02 -1.59 19.32
CA ALA A 245 -4.38 -0.27 19.81
C ALA A 245 -4.79 0.65 18.67
N PRO A 246 -5.81 1.49 18.84
CA PRO A 246 -6.20 2.40 17.78
C PRO A 246 -5.25 3.56 17.63
N MET A 247 -5.21 4.08 16.40
CA MET A 247 -4.45 5.28 16.16
C MET A 247 -5.09 6.49 16.84
N ASN A 248 -4.32 7.56 16.97
CA ASN A 248 -4.85 8.81 17.56
C ASN A 248 -5.75 9.48 16.53
N THR A 249 -5.51 9.21 15.26
CA THR A 249 -6.25 9.89 14.17
C THR A 249 -7.02 8.90 13.30
N ARG A 250 -8.21 9.30 12.87
CA ARG A 250 -8.99 8.48 11.90
C ARG A 250 -8.37 8.66 10.53
N ARG A 251 -8.17 7.57 9.79
CA ARG A 251 -7.51 7.66 8.49
C ARG A 251 -8.09 6.69 7.46
N SER A 252 -8.26 7.16 6.24
CA SER A 252 -8.56 6.26 5.14
C SER A 252 -7.86 6.84 3.93
N GLY A 253 -7.53 5.97 2.98
CA GLY A 253 -6.58 6.39 1.97
C GLY A 253 -5.20 6.54 2.55
N VAL A 254 -4.88 5.71 3.52
CA VAL A 254 -3.69 5.81 4.34
C VAL A 254 -2.62 4.88 3.78
N GLY A 255 -1.36 5.30 3.85
CA GLY A 255 -0.25 4.46 3.43
C GLY A 255 0.43 3.93 4.68
N VAL A 256 0.90 2.68 4.64
CA VAL A 256 1.52 2.07 5.82
C VAL A 256 2.86 1.49 5.42
N ALA A 257 3.91 1.82 6.16
CA ALA A 257 5.20 1.19 5.90
C ALA A 257 5.87 0.81 7.21
N VAL A 258 6.79 -0.16 7.13
CA VAL A 258 7.53 -0.67 8.28
C VAL A 258 8.99 -0.28 8.10
N LEU A 259 9.51 0.47 9.07
CA LEU A 259 10.90 0.88 9.07
C LEU A 259 11.41 0.73 10.50
N ASP A 260 12.55 0.04 10.67
CA ASP A 260 13.21 -0.15 11.96
C ASP A 260 12.28 -0.76 13.02
N GLY A 261 11.44 -1.72 12.62
CA GLY A 261 10.61 -2.43 13.60
C GLY A 261 9.40 -1.65 14.05
N HIS A 262 9.09 -0.58 13.34
CA HIS A 262 7.92 0.24 13.68
C HIS A 262 7.02 0.34 12.45
N ILE A 263 5.72 0.46 12.68
CA ILE A 263 4.77 0.68 11.58
C ILE A 263 4.47 2.17 11.51
N TYR A 264 4.54 2.73 10.32
CA TYR A 264 4.15 4.13 10.17
C TYR A 264 2.85 4.23 9.41
N ALA A 265 1.92 5.01 9.94
CA ALA A 265 0.65 5.30 9.26
C ALA A 265 0.80 6.69 8.67
N VAL A 266 0.87 6.76 7.34
CA VAL A 266 1.15 8.04 6.63
C VAL A 266 -0.05 8.52 5.83
N GLY A 267 -0.55 9.72 6.14
CA GLY A 267 -1.67 10.31 5.39
C GLY A 267 -3.03 9.71 5.71
N GLY A 268 -4.01 9.86 4.82
CA GLY A 268 -5.34 9.18 5.02
C GLY A 268 -6.23 10.09 5.79
N SER A 269 -5.68 11.19 6.12
CA SER A 269 -6.20 12.40 6.78
C SER A 269 -6.02 12.32 8.25
N HIS A 279 -3.28 18.95 10.01
CA HIS A 279 -3.43 17.68 9.24
C HIS A 279 -2.06 17.22 8.71
N ASN A 280 -2.02 16.47 7.60
CA ASN A 280 -0.77 15.86 7.07
C ASN A 280 -0.16 14.94 8.15
N SER A 281 -0.94 14.56 9.16
CA SER A 281 -0.45 13.77 10.32
C SER A 281 0.19 12.43 9.93
N VAL A 282 1.16 12.00 10.73
CA VAL A 282 1.86 10.73 10.55
C VAL A 282 2.07 10.15 11.95
N GLU A 283 1.73 8.87 12.13
CA GLU A 283 1.93 8.23 13.42
C GLU A 283 2.73 6.97 13.26
N ARG A 284 3.41 6.63 14.31
CA ARG A 284 4.25 5.45 14.41
C ARG A 284 3.74 4.53 15.53
N TYR A 285 3.68 3.24 15.24
CA TYR A 285 3.27 2.25 16.24
C TYR A 285 4.48 1.60 16.90
N GLU A 286 4.44 1.48 18.23
CA GLU A 286 5.47 0.75 18.97
C GLU A 286 4.85 -0.53 19.47
N PRO A 287 5.21 -1.71 18.94
CA PRO A 287 4.50 -2.93 19.34
C PRO A 287 4.74 -3.33 20.78
N GLU A 288 5.92 -2.99 21.33
CA GLU A 288 6.25 -3.37 22.70
C GLU A 288 5.39 -2.65 23.70
N ARG A 289 4.81 -1.51 23.32
CA ARG A 289 3.89 -0.83 24.21
C ARG A 289 2.47 -0.78 23.69
N ASP A 290 2.21 -1.26 22.47
CA ASP A 290 0.89 -1.20 21.86
C ASP A 290 0.35 0.21 21.92
N GLU A 291 1.14 1.18 21.43
CA GLU A 291 0.72 2.57 21.38
C GLU A 291 1.16 3.20 20.08
N TRP A 292 0.40 4.21 19.68
CA TRP A 292 0.68 5.03 18.50
C TRP A 292 1.12 6.40 18.98
N HIS A 293 2.19 6.92 18.38
CA HIS A 293 2.63 8.26 18.71
C HIS A 293 2.83 9.06 17.44
N LEU A 294 2.55 10.37 17.53
CA LEU A 294 2.76 11.24 16.37
C LEU A 294 4.23 11.48 16.12
N VAL A 295 4.60 11.52 14.84
CA VAL A 295 5.94 11.94 14.41
C VAL A 295 5.76 13.16 13.51
N ALA A 296 6.80 13.57 12.79
CA ALA A 296 6.67 14.79 12.04
C ALA A 296 5.62 14.62 10.92
N PRO A 297 4.76 15.59 10.72
CA PRO A 297 3.81 15.51 9.58
C PRO A 297 4.49 15.76 8.24
N MET A 298 3.80 15.27 7.19
CA MET A 298 4.27 15.48 5.81
C MET A 298 4.17 16.97 5.46
N LEU A 299 4.87 17.35 4.40
CA LEU A 299 4.83 18.71 3.88
C LEU A 299 3.50 19.02 3.22
N THR A 300 2.80 18.00 2.76
CA THR A 300 1.61 18.11 1.96
C THR A 300 0.58 17.13 2.49
N ARG A 301 -0.70 17.51 2.48
CA ARG A 301 -1.79 16.56 2.70
C ARG A 301 -1.85 15.55 1.57
N ARG A 302 -1.99 14.25 1.89
CA ARG A 302 -2.03 13.22 0.86
C ARG A 302 -3.04 12.17 1.25
N ILE A 303 -4.18 12.15 0.60
CA ILE A 303 -5.12 11.03 0.72
C ILE A 303 -4.95 10.12 -0.48
N GLY A 304 -4.93 8.81 -0.25
CA GLY A 304 -4.70 7.91 -1.36
C GLY A 304 -3.25 7.87 -1.77
N VAL A 305 -2.35 8.04 -0.81
CA VAL A 305 -0.91 8.10 -0.99
C VAL A 305 -0.38 6.68 -1.06
N GLY A 306 0.69 6.50 -1.82
CA GLY A 306 1.41 5.23 -1.81
C GLY A 306 2.67 5.44 -0.97
N VAL A 307 3.02 4.45 -0.16
CA VAL A 307 4.18 4.61 0.71
C VAL A 307 5.08 3.41 0.53
N ALA A 308 6.39 3.64 0.50
CA ALA A 308 7.32 2.53 0.42
C ALA A 308 8.63 2.91 1.10
N VAL A 309 9.37 1.91 1.54
CA VAL A 309 10.60 2.11 2.28
C VAL A 309 11.79 1.73 1.41
N LEU A 310 12.74 2.64 1.27
CA LEU A 310 13.92 2.42 0.45
C LEU A 310 15.11 3.10 1.11
#